data_2IG2
#
_entry.id   2IG2
#
_cell.length_a   135.600
_cell.length_b   135.600
_cell.length_c   82.100
_cell.angle_alpha   90.00
_cell.angle_beta   90.00
_cell.angle_gamma   120.00
#
_symmetry.space_group_name_H-M   'P 32 2 1'
#
loop_
_entity.id
_entity.type
_entity.pdbx_description
1 polymer 'IGG1-LAMBDA KOL FAB (LIGHT CHAIN)'
2 polymer 'IGG1-LAMBDA KOL FAB (HEAVY CHAIN)'
#
loop_
_entity_poly.entity_id
_entity_poly.type
_entity_poly.pdbx_seq_one_letter_code
_entity_poly.pdbx_strand_id
1 'polypeptide(L)'
;QSVLTQPPSASGTPGQRVTISCSGTSSNIGSSTVNWYQQLPGMAPKLLIYRDAMRPSGVPDRFSGSKSGASASLAIGGLQ
SEDETDYYCAAWDVSLNAYVFGTGTKVTVLGQPKANPTVTLFPPSSEELQANKATLVCLISDFYPGAVTVAWKADGSPVK
AGVETTKPSKQSNNKYAASSYLSLTPEQWKSHRSYSCQVTHEGSTVEKTVAPTECS
;
L
2 'polypeptide(L)'
;EVQLVQSGGGVVQPGRSLRLSCSSSGFIFSSYAMYWVRQAPGKGLEWVAIIWDDGSDQHYADSVKGRFTISRNDSKNTLF
LQMDSLRPEDTGVYFCARDGGHGFCSSASCFGPDYWGQGTPVTVSSASTKGPSVFPLAPSSKSTSGGTAALGCLVKDYFP
QPVTVSWNSGALTSGVHTFPAVLQSSGLYSLSSVVTVPSSSLGTQTYICNVNHKPSNTKVDKRVEPKSCDKTHTCPPCPA
PELLGGPSVFLFPPKPKDTLMISRTPEVTCVVVDVSHEDPQVKFNWYVDGVQVHNAKTKPREQQYNSTYRVVSVLTVLHQ
NWLDGKEYKCKVSNKALPAPIEKTISKAKGQPREPQVYTLPPSREEMTKNQVSLTCLVKGFYPSDIAVEWESNGQPENNY
KTTPPVLDSDGSFFLYSKLTVDKSRWQQGNVFSCSVMHEALHNHYTQKSLSLSPG
;
H
#
# COMPACT_ATOMS: atom_id res chain seq x y z
N GLN A 1 -22.49 8.41 -8.33
CA GLN A 1 -21.84 9.74 -8.23
C GLN A 1 -21.16 10.00 -6.88
N SER A 2 -19.85 9.97 -6.91
CA SER A 2 -19.12 9.91 -5.64
C SER A 2 -18.49 11.24 -5.24
N VAL A 3 -19.44 12.14 -5.10
CA VAL A 3 -19.27 13.46 -4.52
C VAL A 3 -19.61 13.49 -3.02
N LEU A 4 -18.60 13.13 -2.26
CA LEU A 4 -18.51 13.40 -0.82
C LEU A 4 -17.13 13.94 -0.43
N THR A 5 -16.85 15.11 -0.92
CA THR A 5 -15.48 15.60 -0.89
C THR A 5 -15.02 16.00 0.49
N GLN A 6 -14.01 15.33 0.94
CA GLN A 6 -13.28 15.68 2.15
C GLN A 6 -11.87 16.18 1.83
N PRO A 7 -11.39 17.10 2.62
CA PRO A 7 -10.02 17.65 2.54
C PRO A 7 -9.00 16.59 2.92
N PRO A 8 -8.11 16.25 2.00
CA PRO A 8 -7.22 15.09 2.08
C PRO A 8 -6.30 15.11 3.29
N SER A 9 -5.96 16.26 3.80
CA SER A 9 -5.25 16.19 5.08
C SER A 9 -5.61 17.21 6.14
N ALA A 10 -5.22 16.82 7.32
CA ALA A 10 -5.53 17.49 8.58
C ALA A 10 -4.34 17.46 9.53
N SER A 11 -3.79 18.60 9.89
CA SER A 11 -2.61 18.62 10.77
C SER A 11 -2.99 18.83 12.24
N GLY A 12 -2.05 19.16 13.10
CA GLY A 12 -2.48 19.38 14.48
C GLY A 12 -1.49 18.91 15.53
N THR A 13 -1.28 19.79 16.48
CA THR A 13 -0.45 19.48 17.63
C THR A 13 -1.33 18.87 18.69
N PRO A 14 -0.68 18.04 19.43
CA PRO A 14 -1.28 17.22 20.47
C PRO A 14 -2.09 18.00 21.52
N GLY A 15 -3.35 17.64 21.55
CA GLY A 15 -4.34 18.32 22.39
C GLY A 15 -5.26 19.28 21.64
N GLN A 16 -4.98 19.57 20.39
CA GLN A 16 -5.77 20.65 19.79
C GLN A 16 -7.03 20.17 19.10
N ARG A 17 -7.88 21.13 18.87
CA ARG A 17 -9.19 20.90 18.27
C ARG A 17 -9.13 20.86 16.74
N VAL A 18 -9.08 19.63 16.25
CA VAL A 18 -8.97 19.40 14.82
C VAL A 18 -10.27 18.93 14.20
N THR A 19 -10.80 19.77 13.32
CA THR A 19 -11.96 19.32 12.54
C THR A 19 -11.67 19.01 11.08
N ILE A 20 -12.45 18.07 10.59
CA ILE A 20 -12.51 17.58 9.21
C ILE A 20 -13.93 17.77 8.66
N SER A 21 -14.12 18.60 7.67
CA SER A 21 -15.46 18.75 7.15
C SER A 21 -15.71 17.68 6.12
N CYS A 22 -16.86 17.74 5.48
CA CYS A 22 -17.15 16.96 4.28
C CYS A 22 -18.39 17.40 3.51
N SER A 23 -18.24 18.11 2.42
CA SER A 23 -19.43 18.66 1.77
C SER A 23 -20.01 17.73 0.71
N GLY A 24 -21.29 17.46 0.80
CA GLY A 24 -21.95 16.55 -0.15
C GLY A 24 -23.04 17.21 -0.98
N THR A 25 -24.15 16.58 -1.13
CA THR A 25 -25.27 17.28 -1.75
C THR A 25 -26.52 17.08 -0.94
N SER A 26 -27.55 17.75 -1.37
CA SER A 26 -28.93 17.65 -0.82
C SER A 26 -29.52 16.25 -0.96
N SER A 27 -28.96 15.56 -1.91
CA SER A 27 -29.48 14.28 -2.36
C SER A 27 -28.90 13.12 -1.58
N ASN A 28 -27.78 13.38 -0.91
CA ASN A 28 -27.19 12.43 0.05
C ASN A 28 -27.14 12.88 1.51
N ILE A 29 -26.41 13.90 1.85
CA ILE A 29 -26.28 14.30 3.25
C ILE A 29 -27.42 15.24 3.59
N GLY A 30 -27.86 15.93 2.56
CA GLY A 30 -29.04 16.74 2.66
C GLY A 30 -30.23 15.83 2.95
N SER A 31 -30.19 14.63 2.42
CA SER A 31 -31.22 13.62 2.70
C SER A 31 -30.97 12.79 3.95
N SER A 32 -29.93 11.99 3.93
CA SER A 32 -29.71 10.94 4.95
C SER A 32 -28.67 11.37 5.97
N THR A 33 -28.41 10.62 7.01
CA THR A 33 -27.39 10.96 7.99
C THR A 33 -25.96 10.69 7.50
N VAL A 34 -25.01 11.36 8.13
CA VAL A 34 -23.61 11.01 7.90
C VAL A 34 -23.01 10.15 9.02
N ASN A 35 -22.12 9.21 8.70
CA ASN A 35 -21.34 8.40 9.65
C ASN A 35 -19.86 8.69 9.48
N TRP A 36 -19.11 8.49 10.50
CA TRP A 36 -17.65 8.63 10.40
C TRP A 36 -16.86 7.36 10.71
N TYR A 37 -16.00 6.99 9.76
CA TYR A 37 -15.18 5.79 9.83
C TYR A 37 -13.68 6.06 9.94
N GLN A 38 -13.05 5.13 10.58
CA GLN A 38 -11.65 5.25 10.88
C GLN A 38 -10.81 4.11 10.35
N GLN A 39 -10.03 4.40 9.37
CA GLN A 39 -9.33 3.32 8.73
C GLN A 39 -7.81 3.43 8.81
N LEU A 40 -7.20 2.39 9.36
CA LEU A 40 -5.73 2.24 9.26
C LEU A 40 -5.28 1.58 7.95
N PRO A 41 -4.66 2.37 7.12
CA PRO A 41 -4.69 2.19 5.65
C PRO A 41 -4.48 0.76 5.14
N GLY A 42 -5.45 0.42 4.30
CA GLY A 42 -5.61 -0.87 3.59
C GLY A 42 -6.49 -1.82 4.38
N MET A 43 -6.47 -1.57 5.69
CA MET A 43 -6.93 -2.51 6.71
C MET A 43 -8.30 -2.22 7.28
N ALA A 44 -8.95 -3.23 7.80
CA ALA A 44 -10.29 -3.21 8.42
C ALA A 44 -10.69 -1.90 9.09
N PRO A 45 -11.63 -1.16 8.55
CA PRO A 45 -12.09 0.10 9.11
C PRO A 45 -12.86 -0.09 10.40
N LYS A 46 -13.50 0.97 10.86
CA LYS A 46 -14.32 0.94 12.07
C LYS A 46 -15.17 2.17 12.33
N LEU A 47 -16.38 1.89 12.77
CA LEU A 47 -17.42 2.88 13.08
C LEU A 47 -17.00 3.76 14.24
N LEU A 48 -16.70 5.01 13.90
CA LEU A 48 -16.20 6.00 14.83
C LEU A 48 -17.32 6.89 15.38
N ILE A 49 -18.23 7.34 14.54
CA ILE A 49 -19.49 8.00 14.97
C ILE A 49 -20.66 7.89 13.97
N TYR A 50 -21.84 7.60 14.47
CA TYR A 50 -23.01 7.46 13.60
C TYR A 50 -24.04 8.56 13.79
N ARG A 51 -25.21 8.34 13.21
CA ARG A 51 -26.33 9.29 13.08
C ARG A 51 -26.03 10.74 13.44
N ASP A 52 -25.21 11.30 12.56
CA ASP A 52 -24.64 12.66 12.54
C ASP A 52 -23.57 12.91 13.59
N ALA A 53 -23.96 12.58 14.78
CA ALA A 53 -23.25 13.06 15.94
C ALA A 53 -22.88 11.99 16.94
N MET A 54 -23.69 10.94 16.98
CA MET A 54 -23.64 9.90 18.02
C MET A 54 -22.40 9.02 18.06
N ARG A 55 -21.96 8.65 19.23
CA ARG A 55 -20.91 7.60 19.34
C ARG A 55 -21.42 6.19 19.67
N PRO A 56 -20.84 5.27 18.94
CA PRO A 56 -20.68 3.91 19.43
C PRO A 56 -19.95 3.94 20.77
N SER A 57 -20.55 3.34 21.77
CA SER A 57 -19.87 3.30 23.06
C SER A 57 -18.61 2.44 22.99
N GLY A 58 -17.54 3.06 23.36
CA GLY A 58 -16.25 2.47 23.09
C GLY A 58 -15.43 3.44 22.24
N VAL A 59 -16.16 4.29 21.61
CA VAL A 59 -15.43 5.45 21.13
C VAL A 59 -15.26 6.52 22.19
N PRO A 60 -14.00 7.04 22.28
CA PRO A 60 -13.61 8.06 23.26
C PRO A 60 -14.44 9.30 23.06
N ASP A 61 -14.92 9.81 24.18
CA ASP A 61 -15.78 11.02 24.28
C ASP A 61 -15.28 12.27 23.57
N ARG A 62 -14.02 12.21 23.13
CA ARG A 62 -13.32 13.31 22.46
C ARG A 62 -13.71 13.59 21.02
N PHE A 63 -14.47 12.68 20.45
CA PHE A 63 -14.89 12.80 19.04
C PHE A 63 -16.34 13.25 18.92
N SER A 64 -16.61 14.20 18.08
CA SER A 64 -17.99 14.61 17.90
C SER A 64 -18.29 14.92 16.45
N GLY A 65 -19.54 14.87 16.12
CA GLY A 65 -20.00 15.15 14.76
C GLY A 65 -21.11 16.18 14.72
N SER A 66 -21.51 16.55 13.51
CA SER A 66 -22.51 17.61 13.27
C SER A 66 -22.89 17.68 11.80
N LYS A 67 -24.17 17.59 11.49
CA LYS A 67 -24.57 17.87 10.10
C LYS A 67 -24.73 19.38 9.95
N SER A 68 -24.80 19.86 8.77
CA SER A 68 -25.45 21.15 8.53
C SER A 68 -25.91 21.29 7.09
N GLY A 69 -27.12 20.92 6.87
CA GLY A 69 -27.69 20.98 5.53
C GLY A 69 -26.96 20.05 4.60
N ALA A 70 -26.26 20.64 3.68
CA ALA A 70 -25.70 19.98 2.50
C ALA A 70 -24.23 19.64 2.68
N SER A 71 -23.84 19.45 3.93
CA SER A 71 -22.43 19.28 4.40
C SER A 71 -22.43 18.87 5.88
N ALA A 72 -21.29 18.44 6.41
CA ALA A 72 -21.17 17.88 7.78
C ALA A 72 -19.73 17.67 8.24
N SER A 73 -19.49 17.66 9.53
CA SER A 73 -18.12 17.71 10.07
C SER A 73 -17.88 16.84 11.31
N LEU A 74 -16.65 16.38 11.39
CA LEU A 74 -16.06 15.59 12.47
C LEU A 74 -15.01 16.40 13.22
N ALA A 75 -15.16 16.47 14.52
CA ALA A 75 -14.17 17.15 15.33
C ALA A 75 -13.58 16.26 16.41
N ILE A 76 -12.27 16.24 16.37
CA ILE A 76 -11.39 15.61 17.35
C ILE A 76 -10.84 16.63 18.35
N GLY A 77 -11.47 16.62 19.50
CA GLY A 77 -11.21 17.62 20.54
C GLY A 77 -10.31 17.10 21.65
N GLY A 78 -9.04 16.99 21.32
CA GLY A 78 -7.98 16.58 22.27
C GLY A 78 -6.81 15.83 21.62
N LEU A 79 -6.52 16.22 20.38
CA LEU A 79 -5.71 15.52 19.38
C LEU A 79 -4.55 14.69 19.92
N GLN A 80 -4.81 13.45 20.24
CA GLN A 80 -3.76 12.48 20.61
C GLN A 80 -2.99 11.92 19.40
N SER A 81 -1.85 11.29 19.63
CA SER A 81 -0.98 10.85 18.51
C SER A 81 -1.52 9.62 17.79
N GLU A 82 -2.24 8.81 18.56
CA GLU A 82 -3.01 7.72 17.99
C GLU A 82 -4.02 8.19 16.93
N ASP A 83 -4.41 9.45 16.94
CA ASP A 83 -5.39 9.97 15.98
C ASP A 83 -4.87 9.98 14.54
N GLU A 84 -3.63 9.54 14.36
CA GLU A 84 -3.08 9.39 13.00
C GLU A 84 -3.63 8.09 12.27
N THR A 85 -4.82 8.25 11.65
CA THR A 85 -5.52 7.18 10.81
C THR A 85 -6.24 7.91 9.69
N ASP A 86 -6.95 7.18 8.88
CA ASP A 86 -7.71 7.82 7.79
C ASP A 86 -9.13 8.01 8.29
N TYR A 87 -9.73 9.13 7.89
CA TYR A 87 -11.13 9.50 8.23
C TYR A 87 -11.99 9.67 6.99
N TYR A 88 -12.97 8.74 6.86
CA TYR A 88 -14.00 8.67 5.79
C TYR A 88 -15.40 9.07 6.30
N CYS A 89 -16.12 9.87 5.56
CA CYS A 89 -17.50 10.15 5.96
C CYS A 89 -18.44 9.44 5.01
N ALA A 90 -19.69 9.19 5.32
CA ALA A 90 -20.54 8.46 4.34
C ALA A 90 -22.04 8.67 4.48
N ALA A 91 -22.77 8.67 3.39
CA ALA A 91 -24.22 8.93 3.49
C ALA A 91 -25.06 8.41 2.33
N TRP A 92 -26.16 7.73 2.64
CA TRP A 92 -27.03 7.06 1.66
C TRP A 92 -27.67 8.06 0.71
N ASP A 93 -27.18 8.15 -0.48
CA ASP A 93 -27.76 9.08 -1.45
C ASP A 93 -29.10 8.53 -1.99
N VAL A 94 -30.18 9.10 -1.51
CA VAL A 94 -31.54 8.66 -1.88
C VAL A 94 -31.84 8.85 -3.41
N SER A 95 -31.06 9.69 -4.11
CA SER A 95 -31.28 9.91 -5.59
C SER A 95 -30.78 8.69 -6.38
N LEU A 96 -29.47 8.44 -6.23
CA LEU A 96 -28.78 7.31 -6.87
C LEU A 96 -29.25 6.00 -6.29
N ASN A 97 -29.55 6.09 -5.00
CA ASN A 97 -29.96 4.95 -4.19
C ASN A 97 -28.72 4.16 -3.93
N ALA A 98 -27.78 4.86 -3.35
CA ALA A 98 -26.50 4.28 -3.07
C ALA A 98 -25.82 4.83 -1.83
N TYR A 99 -25.03 4.00 -1.18
CA TYR A 99 -24.16 4.43 -0.08
C TYR A 99 -22.96 5.17 -0.62
N VAL A 100 -22.87 6.46 -0.42
CA VAL A 100 -21.78 7.17 -1.04
C VAL A 100 -20.74 7.45 0.01
N PHE A 101 -19.54 7.02 -0.24
CA PHE A 101 -18.39 7.18 0.68
C PHE A 101 -17.56 8.44 0.42
N GLY A 102 -16.87 8.85 1.43
CA GLY A 102 -16.03 10.02 1.29
C GLY A 102 -14.75 9.75 0.51
N THR A 103 -14.06 10.84 0.25
CA THR A 103 -12.80 10.82 -0.48
C THR A 103 -11.62 10.74 0.45
N GLY A 104 -11.90 10.85 1.75
CA GLY A 104 -10.86 10.55 2.76
C GLY A 104 -9.93 11.68 3.22
N THR A 105 -9.67 11.65 4.52
CA THR A 105 -8.75 12.57 5.20
C THR A 105 -7.71 11.88 6.08
N LYS A 106 -6.46 12.16 5.85
CA LYS A 106 -5.38 11.55 6.67
C LYS A 106 -4.82 12.55 7.68
N VAL A 107 -5.12 12.26 8.93
CA VAL A 107 -4.80 13.14 10.06
C VAL A 107 -3.38 12.90 10.55
N THR A 108 -2.55 13.95 10.51
CA THR A 108 -1.12 13.94 10.87
C THR A 108 -0.84 14.77 12.13
N VAL A 109 -0.19 14.16 13.09
CA VAL A 109 0.08 14.74 14.43
C VAL A 109 1.51 15.32 14.55
N LEU A 110 1.58 16.62 14.79
CA LEU A 110 2.78 17.41 14.46
C LEU A 110 3.89 17.49 15.50
N GLY A 111 4.53 16.42 15.87
CA GLY A 111 5.58 16.59 16.89
C GLY A 111 6.95 16.06 16.53
N GLN A 112 6.94 15.09 15.64
CA GLN A 112 8.08 14.22 15.30
C GLN A 112 9.14 14.88 14.42
N PRO A 113 10.35 14.77 14.86
CA PRO A 113 11.55 15.32 14.19
C PRO A 113 11.80 14.78 12.79
N LYS A 114 12.15 15.70 11.91
CA LYS A 114 12.56 15.43 10.55
C LYS A 114 13.76 14.49 10.52
N ALA A 115 13.51 13.24 10.20
CA ALA A 115 14.60 12.28 9.95
C ALA A 115 14.97 12.27 8.49
N ASN A 116 16.25 12.40 8.24
CA ASN A 116 16.78 12.51 6.87
C ASN A 116 16.96 11.17 6.15
N PRO A 117 16.74 11.15 4.85
CA PRO A 117 16.90 9.93 4.03
C PRO A 117 18.31 9.33 4.12
N THR A 118 18.40 8.03 4.10
CA THR A 118 19.65 7.28 4.26
C THR A 118 19.98 6.59 2.95
N VAL A 119 19.97 7.39 1.90
CA VAL A 119 20.02 6.99 0.47
C VAL A 119 21.16 6.03 0.16
N THR A 120 20.87 4.88 -0.35
CA THR A 120 21.96 4.00 -0.75
C THR A 120 21.76 3.46 -2.17
N LEU A 121 22.72 3.67 -3.06
CA LEU A 121 22.54 3.50 -4.51
C LEU A 121 23.38 2.37 -5.05
N PHE A 122 22.81 1.38 -5.75
CA PHE A 122 23.53 0.27 -6.40
C PHE A 122 23.45 0.33 -7.93
N PRO A 123 24.56 0.07 -8.59
CA PRO A 123 24.69 -0.02 -10.06
C PRO A 123 24.07 -1.29 -10.65
N PRO A 124 23.97 -1.43 -11.97
CA PRO A 124 23.62 -2.71 -12.59
C PRO A 124 24.64 -3.77 -12.22
N SER A 125 24.10 -4.94 -11.91
CA SER A 125 24.83 -6.18 -11.63
C SER A 125 25.41 -6.73 -12.93
N SER A 126 26.64 -7.16 -12.86
CA SER A 126 27.37 -7.61 -14.04
C SER A 126 26.70 -8.79 -14.72
N GLU A 127 26.03 -9.60 -13.93
CA GLU A 127 25.22 -10.69 -14.46
C GLU A 127 24.03 -10.11 -15.17
N GLU A 128 23.51 -9.04 -14.63
CA GLU A 128 22.29 -8.53 -15.25
C GLU A 128 22.61 -7.95 -16.63
N LEU A 129 23.86 -7.58 -16.76
CA LEU A 129 24.43 -7.05 -17.98
C LEU A 129 24.69 -8.17 -18.96
N GLN A 130 24.95 -9.34 -18.44
CA GLN A 130 25.03 -10.47 -19.35
C GLN A 130 23.65 -10.86 -19.86
N ALA A 131 22.64 -10.59 -19.10
CA ALA A 131 21.34 -10.91 -19.68
C ALA A 131 20.83 -9.78 -20.55
N ASN A 132 21.74 -8.96 -21.00
CA ASN A 132 21.47 -7.78 -21.86
C ASN A 132 20.70 -6.61 -21.27
N LYS A 133 20.74 -6.47 -19.97
CA LYS A 133 20.01 -5.38 -19.28
C LYS A 133 20.87 -4.57 -18.31
N ALA A 134 20.36 -3.39 -17.97
CA ALA A 134 20.93 -2.42 -17.03
C ALA A 134 19.94 -1.84 -16.02
N THR A 135 19.89 -2.39 -14.83
CA THR A 135 19.07 -1.75 -13.80
C THR A 135 19.83 -1.14 -12.63
N LEU A 136 19.81 0.19 -12.59
CA LEU A 136 20.26 0.97 -11.43
C LEU A 136 19.19 1.01 -10.34
N VAL A 137 19.55 0.70 -9.13
CA VAL A 137 18.56 0.72 -8.07
C VAL A 137 18.95 1.72 -6.99
N CYS A 138 18.05 2.63 -6.67
CA CYS A 138 18.27 3.61 -5.61
C CYS A 138 17.38 3.31 -4.43
N LEU A 139 17.93 3.15 -3.27
CA LEU A 139 17.12 2.87 -2.09
C LEU A 139 17.12 4.00 -1.05
N ILE A 140 15.97 4.34 -0.54
CA ILE A 140 15.84 5.47 0.39
C ILE A 140 15.23 5.08 1.73
N SER A 141 16.01 5.19 2.79
CA SER A 141 15.56 4.62 4.06
C SER A 141 15.39 5.66 5.15
N ASP A 142 14.86 5.20 6.29
CA ASP A 142 14.74 5.94 7.57
C ASP A 142 14.50 7.43 7.46
N PHE A 143 13.54 7.81 6.63
CA PHE A 143 13.17 9.22 6.53
C PHE A 143 11.78 9.53 7.09
N TYR A 144 11.56 10.78 7.47
CA TYR A 144 10.32 11.36 8.08
C TYR A 144 10.42 12.88 8.07
N PRO A 145 9.43 13.60 7.62
CA PRO A 145 8.13 13.10 7.11
C PRO A 145 8.22 12.27 5.82
N GLY A 146 7.14 11.54 5.55
CA GLY A 146 6.98 10.70 4.35
C GLY A 146 6.68 11.41 3.04
N ALA A 147 7.52 12.36 2.70
CA ALA A 147 7.48 13.01 1.40
C ALA A 147 8.88 13.18 0.82
N VAL A 148 9.28 12.27 -0.03
CA VAL A 148 10.58 12.41 -0.68
C VAL A 148 10.48 12.77 -2.15
N THR A 149 11.51 13.40 -2.69
CA THR A 149 11.57 13.52 -4.16
C THR A 149 12.86 12.93 -4.69
N VAL A 150 12.74 11.93 -5.51
CA VAL A 150 13.94 11.33 -6.10
C VAL A 150 14.21 11.82 -7.52
N ALA A 151 15.35 12.39 -7.77
CA ALA A 151 15.58 12.72 -9.18
C ALA A 151 16.83 12.07 -9.76
N TRP A 152 16.69 11.59 -10.98
CA TRP A 152 17.79 10.87 -11.65
C TRP A 152 18.58 11.74 -12.60
N LYS A 153 19.90 11.73 -12.46
CA LYS A 153 20.81 12.46 -13.35
C LYS A 153 21.92 11.58 -13.93
N ALA A 154 22.50 12.03 -14.99
CA ALA A 154 23.63 11.35 -15.61
C ALA A 154 24.58 12.29 -16.31
N ASP A 155 25.77 12.25 -15.76
CA ASP A 155 26.82 13.24 -15.95
C ASP A 155 26.41 14.54 -15.30
N GLY A 156 25.74 15.39 -16.02
CA GLY A 156 25.33 16.61 -15.36
C GLY A 156 23.87 16.90 -15.62
N SER A 157 23.23 15.93 -16.21
CA SER A 157 21.96 16.13 -16.93
C SER A 157 20.87 15.22 -16.40
N PRO A 158 19.68 15.76 -16.29
CA PRO A 158 18.51 15.02 -15.81
C PRO A 158 18.16 13.94 -16.80
N VAL A 159 17.75 12.83 -16.22
CA VAL A 159 17.28 11.56 -16.80
C VAL A 159 15.82 11.27 -16.40
N LYS A 160 14.98 11.26 -17.40
CA LYS A 160 13.58 10.84 -17.30
C LYS A 160 13.37 9.82 -18.40
N ALA A 161 13.07 8.60 -17.98
CA ALA A 161 13.11 7.45 -18.87
C ALA A 161 12.36 6.27 -18.26
N GLY A 162 13.17 5.45 -17.64
CA GLY A 162 12.72 4.22 -17.02
C GLY A 162 12.85 4.40 -15.52
N VAL A 163 12.13 5.39 -15.00
CA VAL A 163 12.35 5.77 -13.61
C VAL A 163 11.17 5.41 -12.74
N GLU A 164 11.16 4.16 -12.26
CA GLU A 164 10.01 3.67 -11.50
C GLU A 164 10.27 3.63 -10.02
N THR A 165 9.77 4.65 -9.41
CA THR A 165 9.91 4.92 -7.99
C THR A 165 8.69 4.43 -7.24
N THR A 166 8.89 3.81 -6.11
CA THR A 166 7.81 3.44 -5.19
C THR A 166 7.26 4.66 -4.46
N LYS A 167 6.10 4.53 -3.89
CA LYS A 167 5.65 5.58 -2.94
C LYS A 167 5.97 5.26 -1.48
N PRO A 168 6.28 6.27 -0.75
CA PRO A 168 6.79 6.13 0.61
C PRO A 168 5.86 5.34 1.52
N SER A 169 6.49 4.41 2.18
CA SER A 169 5.74 3.50 3.04
C SER A 169 6.08 3.67 4.51
N LYS A 170 6.15 2.54 5.12
CA LYS A 170 5.97 2.54 6.56
C LYS A 170 6.57 1.26 7.02
N GLN A 171 7.66 1.49 7.68
CA GLN A 171 8.54 0.49 8.24
C GLN A 171 8.30 0.62 9.70
N SER A 172 8.33 -0.35 10.56
CA SER A 172 8.04 0.19 11.86
C SER A 172 9.27 0.54 12.61
N ASN A 173 9.91 1.34 11.84
CA ASN A 173 11.01 2.09 12.23
C ASN A 173 10.31 3.38 12.63
N ASN A 174 8.99 3.36 12.47
CA ASN A 174 8.07 4.51 12.66
C ASN A 174 8.30 5.61 11.64
N LYS A 175 9.25 5.36 10.74
CA LYS A 175 9.61 6.27 9.62
C LYS A 175 9.34 5.62 8.26
N TYR A 176 9.56 6.38 7.23
CA TYR A 176 9.23 6.07 5.83
C TYR A 176 10.39 5.51 5.03
N ALA A 177 10.02 4.78 3.96
CA ALA A 177 10.92 4.11 3.01
C ALA A 177 10.47 4.22 1.54
N ALA A 178 11.43 4.31 0.66
CA ALA A 178 11.16 4.33 -0.78
C ALA A 178 12.32 3.77 -1.62
N SER A 179 12.04 3.53 -2.90
CA SER A 179 12.93 2.98 -3.92
C SER A 179 12.78 3.73 -5.22
N SER A 180 13.77 3.72 -6.04
CA SER A 180 13.53 4.12 -7.42
C SER A 180 14.43 3.38 -8.39
N TYR A 181 13.82 2.74 -9.39
CA TYR A 181 14.53 1.84 -10.31
C TYR A 181 14.72 2.45 -11.70
N LEU A 182 15.90 2.96 -11.94
CA LEU A 182 16.28 3.42 -13.28
C LEU A 182 16.62 2.28 -14.21
N SER A 183 15.96 2.26 -15.35
CA SER A 183 16.12 1.19 -16.36
C SER A 183 16.68 1.65 -17.73
N LEU A 184 17.93 1.25 -17.96
CA LEU A 184 18.79 1.58 -19.11
C LEU A 184 19.00 0.43 -20.10
N THR A 185 19.76 0.77 -21.11
CA THR A 185 20.46 -0.19 -21.96
C THR A 185 21.86 -0.36 -21.42
N PRO A 186 22.45 -1.55 -21.48
CA PRO A 186 23.86 -1.82 -21.11
C PRO A 186 24.83 -0.89 -21.85
N GLU A 187 24.24 -0.37 -22.87
CA GLU A 187 24.87 0.37 -23.91
C GLU A 187 24.76 1.86 -23.63
N GLN A 188 23.58 2.26 -23.22
CA GLN A 188 23.36 3.59 -22.63
C GLN A 188 24.24 3.91 -21.42
N TRP A 189 24.22 2.96 -20.49
CA TRP A 189 24.92 2.97 -19.19
C TRP A 189 26.40 3.31 -19.32
N LYS A 190 27.11 2.59 -20.18
CA LYS A 190 28.54 2.89 -20.37
C LYS A 190 28.81 4.13 -21.20
N SER A 191 27.77 4.72 -21.76
CA SER A 191 27.97 5.91 -22.59
C SER A 191 28.32 7.13 -21.75
N HIS A 192 27.87 7.12 -20.50
CA HIS A 192 28.09 8.25 -19.57
C HIS A 192 29.19 8.06 -18.54
N ARG A 193 29.63 9.19 -18.01
CA ARG A 193 30.71 9.11 -17.05
C ARG A 193 30.21 8.84 -15.63
N SER A 194 29.03 9.36 -15.26
CA SER A 194 28.54 9.14 -13.88
C SER A 194 27.05 9.35 -13.64
N TYR A 195 26.43 8.35 -13.07
CA TYR A 195 25.00 8.44 -12.68
C TYR A 195 24.76 8.80 -11.22
N SER A 196 23.75 9.58 -10.98
CA SER A 196 23.44 10.00 -9.60
C SER A 196 21.95 10.05 -9.29
N CYS A 197 21.67 9.50 -8.13
CA CYS A 197 20.37 9.54 -7.52
C CYS A 197 20.31 10.62 -6.45
N GLN A 198 19.93 11.78 -6.86
CA GLN A 198 19.75 12.84 -5.88
C GLN A 198 18.32 12.85 -5.37
N VAL A 199 18.20 12.98 -4.08
CA VAL A 199 16.90 12.85 -3.42
C VAL A 199 16.69 13.90 -2.35
N THR A 200 15.67 14.72 -2.62
CA THR A 200 15.37 15.98 -1.91
C THR A 200 14.19 15.86 -0.96
N HIS A 201 14.52 16.02 0.30
CA HIS A 201 13.61 15.83 1.47
C HIS A 201 13.72 16.99 2.47
N GLU A 202 12.70 17.87 2.47
CA GLU A 202 12.58 19.08 3.29
C GLU A 202 13.81 19.97 3.16
N GLY A 203 13.94 20.42 1.94
CA GLY A 203 14.96 21.35 1.47
C GLY A 203 16.28 20.65 1.19
N SER A 204 16.47 19.60 1.89
CA SER A 204 17.75 19.00 1.70
C SER A 204 17.75 17.90 0.65
N THR A 205 18.67 18.11 -0.26
CA THR A 205 19.02 17.16 -1.30
C THR A 205 20.30 16.40 -0.99
N VAL A 206 20.19 15.11 -1.12
CA VAL A 206 21.28 14.17 -0.84
C VAL A 206 21.61 13.34 -2.08
N GLU A 207 22.81 13.42 -2.58
CA GLU A 207 23.14 12.62 -3.74
C GLU A 207 23.85 11.35 -3.34
N LYS A 208 23.79 10.46 -4.27
CA LYS A 208 24.65 9.30 -4.28
C LYS A 208 25.09 9.01 -5.71
N THR A 209 26.40 9.06 -5.92
CA THR A 209 26.95 9.06 -7.27
C THR A 209 27.61 7.73 -7.59
N VAL A 210 27.26 7.13 -8.72
CA VAL A 210 27.90 5.88 -9.20
C VAL A 210 28.48 5.95 -10.61
N ALA A 211 29.50 5.16 -10.81
CA ALA A 211 30.28 5.17 -12.05
C ALA A 211 30.60 3.79 -12.63
N PRO A 212 30.38 3.68 -13.94
CA PRO A 212 30.57 2.44 -14.72
C PRO A 212 31.92 1.76 -14.56
N THR A 213 32.99 2.54 -14.56
CA THR A 213 34.31 1.91 -14.34
C THR A 213 34.84 1.89 -12.90
N GLU A 214 34.07 1.30 -11.99
CA GLU A 214 34.70 0.84 -10.73
C GLU A 214 35.72 -0.26 -11.04
N CYS A 215 36.93 -0.09 -10.48
CA CYS A 215 38.19 -0.88 -10.60
C CYS A 215 39.26 -0.11 -11.36
N SER A 216 38.73 0.46 -12.43
CA SER A 216 39.53 0.91 -13.56
C SER A 216 40.13 2.31 -13.40
N GLU B 1 -20.02 -11.95 20.00
CA GLU B 1 -19.25 -10.96 19.22
C GLU B 1 -19.40 -11.18 17.71
N VAL B 2 -19.83 -10.14 17.02
CA VAL B 2 -19.98 -10.14 15.58
C VAL B 2 -18.67 -10.50 14.89
N GLN B 3 -18.63 -11.63 14.22
CA GLN B 3 -17.42 -12.11 13.50
C GLN B 3 -17.70 -12.24 12.00
N LEU B 4 -17.14 -11.39 11.17
CA LEU B 4 -17.40 -11.39 9.71
C LEU B 4 -16.16 -11.77 8.92
N VAL B 5 -16.16 -12.90 8.21
CA VAL B 5 -14.97 -13.27 7.40
C VAL B 5 -15.24 -13.56 5.94
N GLN B 6 -14.48 -12.91 5.05
CA GLN B 6 -14.53 -13.21 3.61
C GLN B 6 -13.53 -14.23 3.11
N SER B 7 -13.82 -14.82 2.03
CA SER B 7 -13.03 -15.97 1.67
C SER B 7 -13.10 -16.15 0.18
N GLY B 8 -12.26 -15.49 -0.55
CA GLY B 8 -12.59 -15.38 -1.96
C GLY B 8 -11.34 -15.20 -2.78
N GLY B 9 -11.47 -15.35 -4.09
CA GLY B 9 -10.34 -15.29 -5.04
C GLY B 9 -9.35 -14.13 -4.88
N GLY B 10 -8.17 -14.36 -5.41
CA GLY B 10 -7.07 -13.40 -5.57
C GLY B 10 -6.82 -13.03 -7.03
N VAL B 11 -5.71 -13.49 -7.59
CA VAL B 11 -5.27 -13.09 -8.93
C VAL B 11 -6.10 -13.79 -9.98
N VAL B 12 -6.72 -13.01 -10.85
CA VAL B 12 -7.33 -13.48 -12.10
C VAL B 12 -7.07 -12.52 -13.26
N GLN B 13 -7.15 -13.11 -14.42
CA GLN B 13 -7.04 -12.56 -15.78
C GLN B 13 -8.30 -11.77 -16.11
N PRO B 14 -8.15 -10.62 -16.64
CA PRO B 14 -9.27 -9.76 -16.93
C PRO B 14 -10.23 -10.39 -17.92
N GLY B 15 -11.43 -10.61 -17.46
CA GLY B 15 -12.50 -11.21 -18.22
C GLY B 15 -12.89 -12.49 -17.52
N ARG B 16 -12.10 -12.87 -16.58
CA ARG B 16 -12.55 -13.99 -15.76
C ARG B 16 -13.44 -13.59 -14.59
N SER B 17 -13.70 -14.57 -13.75
CA SER B 17 -14.65 -14.46 -12.63
C SER B 17 -14.07 -14.93 -11.31
N LEU B 18 -14.70 -14.48 -10.26
CA LEU B 18 -14.47 -14.92 -8.89
C LEU B 18 -15.82 -15.05 -8.18
N ARG B 19 -15.76 -15.59 -7.00
CA ARG B 19 -16.92 -15.54 -6.10
C ARG B 19 -16.50 -15.38 -4.64
N LEU B 20 -16.62 -14.18 -4.16
CA LEU B 20 -16.31 -13.90 -2.77
C LEU B 20 -17.39 -14.48 -1.86
N SER B 21 -17.03 -15.22 -0.85
CA SER B 21 -18.01 -15.55 0.21
C SER B 21 -17.77 -14.58 1.35
N CYS B 22 -18.64 -14.58 2.36
CA CYS B 22 -18.47 -13.88 3.66
C CYS B 22 -19.35 -14.49 4.74
N SER B 23 -18.77 -15.27 5.57
CA SER B 23 -19.68 -15.83 6.58
C SER B 23 -19.66 -14.95 7.81
N SER B 24 -20.80 -14.91 8.43
CA SER B 24 -21.01 -14.16 9.66
C SER B 24 -21.02 -15.04 10.90
N SER B 25 -20.96 -14.40 12.05
CA SER B 25 -21.09 -15.03 13.37
C SER B 25 -21.40 -13.98 14.43
N GLY B 26 -21.99 -14.39 15.55
CA GLY B 26 -22.24 -13.51 16.70
C GLY B 26 -23.61 -12.83 16.67
N PHE B 27 -24.21 -12.76 15.48
CA PHE B 27 -25.52 -12.12 15.32
C PHE B 27 -26.52 -12.89 14.49
N ILE B 28 -27.79 -12.48 14.55
CA ILE B 28 -28.87 -13.03 13.71
C ILE B 28 -28.98 -12.44 12.29
N PHE B 29 -28.11 -12.93 11.41
CA PHE B 29 -27.88 -12.48 10.03
C PHE B 29 -29.12 -12.00 9.30
N SER B 30 -30.13 -12.84 9.42
CA SER B 30 -31.39 -12.75 8.70
C SER B 30 -32.25 -11.60 9.15
N SER B 31 -31.69 -10.87 10.09
CA SER B 31 -32.22 -9.58 10.56
C SER B 31 -31.47 -8.37 10.03
N TYR B 32 -30.25 -8.54 9.57
CA TYR B 32 -29.49 -7.35 9.13
C TYR B 32 -29.14 -7.30 7.64
N ALA B 33 -29.19 -6.12 7.03
CA ALA B 33 -28.71 -5.87 5.65
C ALA B 33 -27.19 -5.87 5.55
N MET B 34 -26.65 -6.41 4.49
CA MET B 34 -25.20 -6.55 4.41
C MET B 34 -24.63 -5.75 3.26
N TYR B 35 -23.40 -5.29 3.38
CA TYR B 35 -22.76 -4.54 2.31
C TYR B 35 -21.53 -5.29 1.82
N TRP B 36 -21.20 -5.03 0.59
CA TRP B 36 -19.86 -5.28 0.07
C TRP B 36 -19.20 -3.96 -0.31
N VAL B 37 -17.98 -3.76 0.18
CA VAL B 37 -17.18 -2.55 0.00
C VAL B 37 -15.75 -2.87 -0.41
N ARG B 38 -15.25 -2.29 -1.45
CA ARG B 38 -13.88 -2.53 -1.85
C ARG B 38 -13.03 -1.29 -1.66
N GLN B 39 -11.78 -1.45 -1.98
CA GLN B 39 -10.76 -0.43 -1.80
C GLN B 39 -9.53 -0.75 -2.61
N ALA B 40 -9.43 -0.14 -3.74
CA ALA B 40 -8.22 -0.26 -4.54
C ALA B 40 -7.09 0.38 -3.76
N PRO B 41 -5.97 -0.22 -3.91
CA PRO B 41 -4.78 0.08 -3.14
C PRO B 41 -4.38 1.54 -3.19
N GLY B 42 -4.13 2.04 -1.99
CA GLY B 42 -3.84 3.44 -1.71
C GLY B 42 -4.85 4.44 -2.28
N LYS B 43 -6.05 3.97 -2.45
CA LYS B 43 -7.21 4.86 -2.68
C LYS B 43 -8.23 4.74 -1.56
N GLY B 44 -9.33 5.45 -1.66
CA GLY B 44 -10.31 5.51 -0.55
C GLY B 44 -11.12 4.23 -0.40
N LEU B 45 -12.21 4.28 0.32
CA LEU B 45 -13.16 3.18 0.28
C LEU B 45 -14.19 3.45 -0.81
N GLU B 46 -14.51 2.44 -1.58
CA GLU B 46 -15.55 2.46 -2.59
C GLU B 46 -16.66 1.46 -2.26
N TRP B 47 -17.90 1.90 -2.22
CA TRP B 47 -19.06 1.02 -2.04
C TRP B 47 -19.44 0.32 -3.36
N VAL B 48 -19.83 -0.93 -3.26
CA VAL B 48 -20.04 -1.88 -4.36
C VAL B 48 -21.47 -2.43 -4.40
N ALA B 49 -22.08 -2.68 -3.24
CA ALA B 49 -23.46 -3.17 -3.14
C ALA B 49 -24.02 -3.23 -1.73
N ILE B 50 -25.35 -3.26 -1.67
CA ILE B 50 -26.20 -3.55 -0.50
C ILE B 50 -27.32 -4.54 -0.85
N ILE B 51 -27.65 -5.40 0.07
CA ILE B 51 -28.69 -6.39 -0.07
C ILE B 51 -29.52 -6.37 1.20
N TRP B 52 -30.83 -6.37 1.03
CA TRP B 52 -31.72 -6.27 2.17
C TRP B 52 -31.66 -7.48 3.09
N ASP B 53 -32.21 -7.29 4.27
CA ASP B 53 -32.25 -8.34 5.27
C ASP B 53 -32.82 -9.62 4.67
N ASP B 54 -33.82 -9.50 3.87
CA ASP B 54 -34.49 -10.67 3.30
C ASP B 54 -34.18 -10.86 1.82
N GLY B 55 -33.25 -10.07 1.39
CA GLY B 55 -32.83 -10.18 0.01
C GLY B 55 -33.93 -9.87 -1.00
N SER B 56 -35.08 -9.32 -0.55
CA SER B 56 -36.13 -8.93 -1.51
C SER B 56 -35.63 -7.99 -2.57
N ASP B 57 -34.82 -7.06 -2.13
CA ASP B 57 -34.07 -6.21 -3.03
C ASP B 57 -32.61 -6.05 -2.66
N GLN B 58 -31.88 -5.33 -3.51
CA GLN B 58 -30.42 -5.23 -3.55
C GLN B 58 -29.94 -4.20 -4.55
N HIS B 59 -29.08 -3.34 -4.11
CA HIS B 59 -28.55 -2.26 -4.93
C HIS B 59 -27.06 -2.41 -5.20
N TYR B 60 -26.63 -1.89 -6.32
CA TYR B 60 -25.24 -1.91 -6.79
C TYR B 60 -24.71 -0.51 -7.06
N ALA B 61 -23.41 -0.43 -7.16
CA ALA B 61 -22.76 0.82 -7.58
C ALA B 61 -22.62 0.84 -9.08
N ASP B 62 -22.75 2.01 -9.66
CA ASP B 62 -22.84 2.15 -11.11
C ASP B 62 -21.86 1.29 -11.88
N SER B 63 -20.65 1.36 -11.37
CA SER B 63 -19.46 0.65 -11.81
C SER B 63 -19.73 -0.84 -11.94
N VAL B 64 -19.80 -1.39 -10.79
CA VAL B 64 -20.04 -2.79 -10.54
C VAL B 64 -21.35 -3.24 -11.19
N LYS B 65 -22.21 -2.30 -11.53
CA LYS B 65 -23.56 -2.65 -12.04
C LYS B 65 -23.60 -3.60 -13.23
N GLY B 66 -24.31 -4.69 -13.05
CA GLY B 66 -24.50 -5.61 -14.16
C GLY B 66 -23.35 -6.59 -14.35
N ARG B 67 -22.21 -6.31 -13.75
CA ARG B 67 -21.20 -7.36 -13.75
C ARG B 67 -21.25 -8.17 -12.48
N PHE B 68 -21.53 -7.52 -11.38
CA PHE B 68 -21.41 -8.12 -10.06
C PHE B 68 -22.76 -8.49 -9.46
N THR B 69 -22.78 -9.41 -8.52
CA THR B 69 -24.05 -9.87 -7.96
C THR B 69 -23.99 -10.18 -6.46
N ILE B 70 -24.77 -9.44 -5.69
CA ILE B 70 -24.85 -9.73 -4.26
C ILE B 70 -25.97 -10.70 -3.90
N SER B 71 -25.56 -11.80 -3.31
CA SER B 71 -26.39 -12.95 -3.05
C SER B 71 -26.34 -13.25 -1.56
N ARG B 72 -27.35 -13.80 -0.98
CA ARG B 72 -27.28 -14.04 0.45
C ARG B 72 -28.04 -15.31 0.85
N ASN B 73 -27.38 -16.18 1.59
CA ASN B 73 -27.99 -17.40 2.08
C ASN B 73 -28.23 -17.36 3.59
N ASP B 74 -29.39 -16.80 3.92
CA ASP B 74 -29.91 -16.67 5.28
C ASP B 74 -29.80 -17.93 6.11
N SER B 75 -29.92 -19.04 5.42
CA SER B 75 -29.69 -20.42 5.92
C SER B 75 -28.27 -20.68 6.46
N LYS B 76 -27.31 -20.83 5.55
CA LYS B 76 -25.97 -21.22 5.98
C LYS B 76 -25.27 -20.12 6.76
N ASN B 77 -25.79 -18.89 6.59
CA ASN B 77 -25.26 -17.67 7.21
C ASN B 77 -24.08 -17.10 6.41
N THR B 78 -24.34 -16.84 5.15
CA THR B 78 -23.33 -16.39 4.21
C THR B 78 -23.81 -15.33 3.21
N LEU B 79 -22.97 -14.36 2.96
CA LEU B 79 -23.13 -13.27 1.97
C LEU B 79 -22.13 -13.42 0.83
N PHE B 80 -22.61 -13.46 -0.40
CA PHE B 80 -21.79 -13.77 -1.57
C PHE B 80 -21.62 -12.53 -2.44
N LEU B 81 -20.66 -12.57 -3.31
CA LEU B 81 -20.48 -11.55 -4.36
C LEU B 81 -19.99 -12.24 -5.62
N GLN B 82 -20.82 -12.29 -6.60
CA GLN B 82 -20.48 -13.00 -7.83
C GLN B 82 -19.98 -12.00 -8.85
N MET B 83 -18.69 -12.06 -9.06
CA MET B 83 -18.00 -11.11 -9.91
C MET B 83 -17.73 -11.68 -11.30
N ASP B 84 -18.64 -11.49 -12.21
CA ASP B 84 -18.33 -11.82 -13.60
C ASP B 84 -17.55 -10.69 -14.27
N SER B 85 -17.00 -11.02 -15.42
CA SER B 85 -16.50 -10.00 -16.33
C SER B 85 -15.53 -9.00 -15.69
N LEU B 86 -14.70 -9.54 -14.78
CA LEU B 86 -13.64 -8.83 -14.02
C LEU B 86 -12.76 -7.93 -14.88
N ARG B 87 -12.79 -6.64 -14.62
CA ARG B 87 -11.91 -5.64 -15.27
C ARG B 87 -10.72 -5.25 -14.38
N PRO B 88 -9.60 -4.79 -14.92
CA PRO B 88 -8.37 -4.57 -14.13
C PRO B 88 -8.54 -3.49 -13.08
N GLU B 89 -9.66 -2.81 -13.17
CA GLU B 89 -10.00 -1.74 -12.25
C GLU B 89 -10.61 -2.30 -10.96
N ASP B 90 -11.07 -3.54 -11.08
CA ASP B 90 -11.69 -4.27 -9.99
C ASP B 90 -10.73 -4.63 -8.88
N THR B 91 -9.48 -4.38 -9.10
CA THR B 91 -8.45 -4.76 -8.13
C THR B 91 -8.67 -4.18 -6.74
N GLY B 92 -8.36 -4.92 -5.74
CA GLY B 92 -8.39 -4.35 -4.40
C GLY B 92 -8.91 -5.30 -3.34
N VAL B 93 -9.10 -4.78 -2.19
CA VAL B 93 -9.57 -5.59 -1.12
C VAL B 93 -11.05 -5.41 -0.96
N TYR B 94 -11.73 -6.52 -0.91
CA TYR B 94 -13.16 -6.57 -0.76
C TYR B 94 -13.53 -6.97 0.66
N PHE B 95 -14.25 -6.05 1.29
CA PHE B 95 -14.81 -6.10 2.66
C PHE B 95 -16.31 -6.39 2.64
N CYS B 96 -16.80 -7.13 3.61
CA CYS B 96 -18.23 -7.23 3.89
C CYS B 96 -18.55 -6.67 5.26
N ALA B 97 -19.55 -5.82 5.31
CA ALA B 97 -19.92 -5.15 6.55
C ALA B 97 -21.40 -5.32 6.83
N ARG B 98 -21.79 -4.93 8.00
CA ARG B 98 -23.19 -5.06 8.39
C ARG B 98 -23.88 -3.71 8.53
N ASP B 99 -25.08 -3.61 8.02
CA ASP B 99 -25.90 -2.43 8.27
C ASP B 99 -26.54 -2.57 9.64
N GLY B 100 -26.21 -1.70 10.55
CA GLY B 100 -26.66 -1.88 11.94
C GLY B 100 -28.13 -1.56 12.17
N GLY B 101 -28.80 -1.31 11.09
CA GLY B 101 -30.21 -0.95 11.13
C GLY B 101 -31.19 -2.12 11.00
N HIS B 102 -32.39 -1.73 10.61
CA HIS B 102 -33.57 -2.59 10.67
C HIS B 102 -33.80 -3.28 9.34
N GLY B 103 -32.71 -3.28 8.58
CA GLY B 103 -32.50 -4.29 7.53
C GLY B 103 -32.80 -3.82 6.12
N PHE B 104 -32.90 -2.54 6.02
CA PHE B 104 -32.71 -1.85 4.74
C PHE B 104 -32.23 -0.41 4.87
N CYS B 105 -32.02 0.19 3.76
CA CYS B 105 -31.61 1.59 3.79
C CYS B 105 -32.52 2.40 2.91
N SER B 106 -33.11 3.40 3.48
CA SER B 106 -34.12 4.14 2.75
C SER B 106 -34.10 5.63 3.03
N SER B 107 -35.01 6.29 2.37
CA SER B 107 -35.37 7.69 2.58
C SER B 107 -35.79 8.00 4.02
N ALA B 108 -36.33 7.02 4.73
CA ALA B 108 -36.57 7.17 6.18
C ALA B 108 -35.32 7.15 7.07
N SER B 109 -34.43 6.21 6.73
CA SER B 109 -33.37 5.70 7.63
C SER B 109 -32.28 4.90 6.90
N CYS B 110 -31.04 5.09 7.28
CA CYS B 110 -29.92 4.24 6.80
C CYS B 110 -28.75 4.19 7.77
N PHE B 111 -28.68 3.15 8.58
CA PHE B 111 -27.66 3.09 9.63
C PHE B 111 -26.25 3.08 9.10
N GLY B 112 -26.07 2.25 8.08
CA GLY B 112 -24.76 2.01 7.42
C GLY B 112 -23.91 1.00 8.18
N PRO B 113 -22.75 0.69 7.67
CA PRO B 113 -21.89 -0.33 8.26
C PRO B 113 -21.56 -0.10 9.72
N ASP B 114 -21.85 -1.06 10.53
CA ASP B 114 -21.42 -0.94 11.91
C ASP B 114 -20.19 -1.77 12.24
N TYR B 115 -20.27 -3.05 12.00
CA TYR B 115 -19.08 -3.88 11.98
C TYR B 115 -18.71 -4.16 10.54
N TRP B 116 -17.44 -4.11 10.24
CA TRP B 116 -16.93 -4.60 8.97
C TRP B 116 -16.34 -5.99 9.13
N GLY B 117 -15.44 -6.38 8.24
CA GLY B 117 -14.64 -7.54 8.55
C GLY B 117 -13.45 -7.86 7.66
N GLN B 118 -12.28 -7.49 8.14
CA GLN B 118 -10.96 -7.95 7.64
C GLN B 118 -10.62 -7.55 6.20
N GLY B 119 -11.32 -8.16 5.29
CA GLY B 119 -11.02 -8.03 3.86
C GLY B 119 -10.40 -9.25 3.18
N THR B 120 -10.80 -9.45 1.96
CA THR B 120 -10.08 -10.37 1.08
C THR B 120 -9.63 -9.75 -0.22
N PRO B 121 -8.41 -9.97 -0.58
CA PRO B 121 -7.79 -9.33 -1.74
C PRO B 121 -8.12 -10.03 -3.04
N VAL B 122 -8.39 -9.24 -4.05
CA VAL B 122 -8.46 -9.65 -5.46
C VAL B 122 -7.67 -8.77 -6.42
N THR B 123 -6.87 -9.37 -7.27
CA THR B 123 -6.12 -8.64 -8.26
C THR B 123 -6.49 -9.10 -9.64
N VAL B 124 -7.15 -8.27 -10.38
CA VAL B 124 -7.31 -8.49 -11.81
C VAL B 124 -6.15 -7.91 -12.61
N SER B 125 -5.45 -8.74 -13.32
CA SER B 125 -4.33 -8.25 -14.13
C SER B 125 -4.08 -9.08 -15.38
N SER B 126 -3.63 -8.35 -16.38
CA SER B 126 -3.41 -8.85 -17.72
C SER B 126 -2.02 -9.40 -17.87
N ALA B 127 -1.70 -10.25 -16.92
CA ALA B 127 -0.33 -10.40 -16.43
C ALA B 127 -0.12 -11.73 -15.72
N SER B 128 0.88 -12.47 -16.17
CA SER B 128 1.00 -13.89 -15.79
C SER B 128 2.20 -14.26 -14.96
N THR B 129 2.00 -15.22 -14.05
CA THR B 129 3.00 -15.84 -13.15
C THR B 129 4.41 -15.86 -13.68
N LYS B 130 5.19 -14.89 -13.35
CA LYS B 130 6.56 -14.86 -13.86
C LYS B 130 7.58 -14.88 -12.75
N GLY B 131 8.55 -15.75 -12.89
CA GLY B 131 9.62 -15.98 -11.88
C GLY B 131 10.70 -14.91 -11.87
N PRO B 132 11.16 -14.64 -10.68
CA PRO B 132 12.11 -13.57 -10.37
C PRO B 132 13.48 -13.80 -11.01
N SER B 133 13.95 -12.86 -11.78
CA SER B 133 15.34 -12.95 -12.16
C SER B 133 16.20 -12.32 -11.09
N VAL B 134 16.86 -13.11 -10.27
CA VAL B 134 17.60 -12.56 -9.13
C VAL B 134 19.05 -12.20 -9.44
N PHE B 135 19.29 -10.94 -9.67
CA PHE B 135 20.65 -10.48 -9.91
C PHE B 135 21.28 -9.93 -8.64
N PRO B 136 22.46 -10.40 -8.22
CA PRO B 136 23.09 -9.96 -6.94
C PRO B 136 23.61 -8.54 -7.05
N LEU B 137 23.25 -7.70 -6.08
CA LEU B 137 23.70 -6.29 -5.99
C LEU B 137 24.96 -6.19 -5.14
N ALA B 138 26.11 -6.10 -5.77
CA ALA B 138 27.39 -6.25 -5.08
C ALA B 138 27.93 -4.96 -4.47
N PRO B 139 28.51 -5.10 -3.32
CA PRO B 139 29.10 -4.03 -2.51
C PRO B 139 30.28 -3.40 -3.20
N SER B 140 30.46 -2.10 -3.01
CA SER B 140 31.54 -1.33 -3.66
C SER B 140 32.74 -1.21 -2.73
N SER B 141 33.82 -0.73 -3.28
CA SER B 141 34.90 -0.23 -2.45
C SER B 141 34.78 1.22 -1.99
N LYS B 142 33.88 1.97 -2.58
CA LYS B 142 33.78 3.39 -2.30
C LYS B 142 33.24 3.69 -0.91
N SER B 143 34.09 4.24 -0.06
CA SER B 143 33.91 4.39 1.39
C SER B 143 32.83 5.36 1.79
N THR B 144 31.71 4.85 2.28
CA THR B 144 30.54 5.65 2.65
C THR B 144 30.58 6.02 4.12
N SER B 145 30.57 7.33 4.36
CA SER B 145 30.53 8.09 5.64
C SER B 145 31.42 7.63 6.77
N GLY B 146 31.36 6.35 6.97
CA GLY B 146 32.03 5.54 7.98
C GLY B 146 30.98 4.65 8.60
N GLY B 147 29.86 4.64 7.91
CA GLY B 147 28.71 3.78 8.26
C GLY B 147 28.82 2.39 7.62
N THR B 148 30.09 1.97 7.41
CA THR B 148 30.50 0.69 6.81
C THR B 148 29.95 0.41 5.41
N ALA B 149 29.50 -0.80 5.12
CA ALA B 149 28.96 -1.15 3.79
C ALA B 149 27.53 -1.67 3.82
N ALA B 150 26.97 -1.90 2.66
CA ALA B 150 25.65 -2.50 2.49
C ALA B 150 25.52 -3.10 1.10
N LEU B 151 25.19 -4.38 1.10
CA LEU B 151 25.13 -5.21 -0.08
C LEU B 151 23.78 -5.94 -0.19
N GLY B 152 23.40 -6.38 -1.36
CA GLY B 152 22.03 -6.86 -1.47
C GLY B 152 21.69 -7.75 -2.66
N CYS B 153 20.40 -7.94 -2.87
CA CYS B 153 19.86 -8.69 -4.01
C CYS B 153 18.70 -7.96 -4.66
N LEU B 154 18.79 -7.84 -5.95
CA LEU B 154 17.72 -7.31 -6.76
C LEU B 154 16.86 -8.47 -7.22
N VAL B 155 15.67 -8.60 -6.68
CA VAL B 155 14.73 -9.64 -7.14
C VAL B 155 13.75 -9.16 -8.19
N LYS B 156 14.18 -9.18 -9.42
CA LYS B 156 13.59 -8.39 -10.50
C LYS B 156 12.64 -9.19 -11.41
N ASP B 157 11.60 -8.50 -11.84
CA ASP B 157 10.57 -8.89 -12.83
C ASP B 157 9.79 -10.16 -12.53
N TYR B 158 9.00 -10.09 -11.50
CA TYR B 158 8.16 -11.22 -11.09
C TYR B 158 6.66 -10.95 -11.09
N PHE B 159 5.92 -11.98 -10.70
CA PHE B 159 4.45 -11.95 -10.56
C PHE B 159 3.98 -13.28 -9.99
N PRO B 160 2.92 -13.25 -9.23
CA PRO B 160 2.42 -12.06 -8.51
C PRO B 160 3.21 -11.91 -7.22
N GLN B 161 2.91 -10.85 -6.48
CA GLN B 161 3.31 -10.76 -5.10
C GLN B 161 2.75 -11.96 -4.35
N PRO B 162 3.37 -12.43 -3.29
CA PRO B 162 4.63 -11.98 -2.69
C PRO B 162 5.82 -12.88 -3.06
N VAL B 163 6.97 -12.47 -2.57
CA VAL B 163 8.27 -13.16 -2.66
C VAL B 163 8.93 -13.18 -1.28
N THR B 164 9.78 -14.18 -0.99
CA THR B 164 10.34 -14.36 0.37
C THR B 164 11.86 -14.27 0.37
N VAL B 165 12.44 -13.13 0.67
CA VAL B 165 13.90 -13.06 0.55
C VAL B 165 14.63 -13.07 1.88
N SER B 166 15.03 -14.27 2.31
CA SER B 166 15.81 -14.49 3.52
C SER B 166 17.31 -14.53 3.25
N TRP B 167 18.10 -14.20 4.25
CA TRP B 167 19.58 -14.16 4.13
C TRP B 167 20.33 -15.26 4.86
N ASN B 168 21.11 -15.99 4.08
CA ASN B 168 22.01 -17.06 4.51
C ASN B 168 21.23 -18.16 5.19
N SER B 169 20.22 -18.61 4.48
CA SER B 169 19.25 -19.62 4.94
C SER B 169 18.61 -19.16 6.24
N GLY B 170 18.62 -17.84 6.34
CA GLY B 170 17.98 -17.14 7.43
C GLY B 170 18.86 -17.13 8.67
N ALA B 171 20.13 -17.38 8.48
CA ALA B 171 21.03 -17.18 9.64
C ALA B 171 21.21 -15.68 9.97
N LEU B 172 21.11 -14.90 8.92
CA LEU B 172 21.44 -13.47 8.98
C LEU B 172 20.22 -12.62 9.15
N THR B 173 20.14 -11.87 10.24
CA THR B 173 19.01 -10.97 10.54
C THR B 173 19.37 -9.56 11.04
N SER B 174 18.33 -8.74 10.89
CA SER B 174 18.18 -7.33 11.31
C SER B 174 19.29 -6.34 10.94
N GLY B 175 20.39 -6.84 10.36
CA GLY B 175 21.14 -6.00 9.44
C GLY B 175 20.29 -5.72 8.20
N VAL B 176 19.46 -6.71 7.92
CA VAL B 176 18.60 -6.93 6.73
C VAL B 176 17.44 -5.96 6.63
N HIS B 177 17.22 -5.48 5.42
CA HIS B 177 16.17 -4.51 5.16
C HIS B 177 15.57 -4.67 3.78
N THR B 178 14.54 -5.45 3.70
CA THR B 178 13.94 -5.71 2.41
C THR B 178 12.82 -4.75 2.12
N PHE B 179 12.97 -4.03 1.05
CA PHE B 179 12.09 -2.94 0.70
C PHE B 179 10.75 -3.48 0.18
N PRO B 180 9.76 -2.64 0.18
CA PRO B 180 8.52 -2.87 -0.57
C PRO B 180 8.82 -2.94 -2.05
N ALA B 181 8.04 -3.72 -2.75
CA ALA B 181 8.13 -3.87 -4.20
C ALA B 181 7.68 -2.64 -4.98
N VAL B 182 8.32 -2.37 -6.07
CA VAL B 182 7.71 -1.45 -7.01
C VAL B 182 6.85 -2.23 -8.02
N LEU B 183 5.64 -1.76 -8.25
CA LEU B 183 4.85 -2.30 -9.36
C LEU B 183 5.13 -1.56 -10.67
N GLN B 184 5.99 -2.18 -11.46
CA GLN B 184 6.48 -1.65 -12.75
C GLN B 184 5.48 -1.71 -13.90
N SER B 185 5.75 -0.86 -14.90
CA SER B 185 4.94 -0.69 -16.13
C SER B 185 4.54 -1.98 -16.82
N SER B 186 5.50 -2.87 -16.83
CA SER B 186 5.39 -4.26 -17.24
C SER B 186 4.09 -4.93 -16.81
N GLY B 187 3.70 -4.57 -15.61
CA GLY B 187 2.64 -5.28 -14.88
C GLY B 187 3.26 -6.33 -13.98
N LEU B 188 4.60 -6.38 -14.09
CA LEU B 188 5.50 -7.20 -13.26
C LEU B 188 6.13 -6.35 -12.16
N TYR B 189 6.36 -6.94 -11.00
CA TYR B 189 7.00 -6.31 -9.82
C TYR B 189 8.54 -6.33 -9.83
N SER B 190 9.11 -5.83 -8.74
CA SER B 190 10.51 -5.98 -8.31
C SER B 190 10.70 -5.60 -6.85
N LEU B 191 11.31 -6.43 -6.03
CA LEU B 191 11.77 -5.96 -4.72
C LEU B 191 13.28 -5.78 -4.58
N SER B 192 13.77 -5.39 -3.42
CA SER B 192 15.21 -5.48 -3.11
C SER B 192 15.47 -5.75 -1.63
N SER B 193 16.50 -6.48 -1.34
CA SER B 193 16.91 -6.64 0.07
C SER B 193 18.26 -5.98 0.33
N VAL B 194 18.44 -5.25 1.40
CA VAL B 194 19.81 -4.77 1.66
C VAL B 194 20.30 -5.04 3.07
N VAL B 195 21.27 -5.91 3.17
CA VAL B 195 21.91 -6.19 4.46
C VAL B 195 23.17 -5.34 4.60
N THR B 196 23.07 -4.39 5.53
CA THR B 196 24.06 -3.35 5.81
C THR B 196 25.09 -3.76 6.86
N VAL B 197 26.28 -4.09 6.39
CA VAL B 197 27.28 -4.80 7.20
C VAL B 197 28.59 -4.01 7.37
N PRO B 198 29.32 -4.20 8.43
CA PRO B 198 30.63 -3.55 8.65
C PRO B 198 31.69 -3.86 7.59
N SER B 199 32.24 -2.80 7.04
CA SER B 199 33.13 -2.82 5.86
C SER B 199 34.25 -3.82 6.05
N SER B 200 34.68 -3.87 7.29
CA SER B 200 35.53 -4.89 7.89
C SER B 200 35.18 -6.30 7.43
N SER B 201 33.96 -6.65 7.82
CA SER B 201 33.33 -7.95 7.65
C SER B 201 33.26 -8.34 6.19
N LEU B 202 33.16 -7.33 5.38
CA LEU B 202 33.00 -7.58 3.96
C LEU B 202 34.25 -8.27 3.40
N GLY B 203 34.07 -9.51 3.07
CA GLY B 203 35.21 -10.37 2.72
C GLY B 203 35.68 -11.30 3.84
N THR B 204 35.17 -11.20 5.00
CA THR B 204 35.41 -12.41 5.74
C THR B 204 34.22 -13.34 5.58
N GLN B 205 33.07 -12.81 5.25
CA GLN B 205 31.84 -13.62 5.38
C GLN B 205 31.14 -14.00 4.07
N THR B 206 30.27 -15.01 4.12
CA THR B 206 29.61 -15.49 2.90
C THR B 206 28.10 -15.25 2.85
N TYR B 207 27.73 -14.02 2.54
CA TYR B 207 26.34 -13.53 2.33
C TYR B 207 25.69 -14.12 1.10
N ILE B 208 24.77 -15.04 1.32
CA ILE B 208 24.01 -15.66 0.23
C ILE B 208 22.51 -15.48 0.34
N CYS B 209 21.87 -14.81 -0.61
CA CYS B 209 20.44 -14.47 -0.46
C CYS B 209 19.43 -15.49 -1.01
N ASN B 210 18.58 -15.97 -0.16
CA ASN B 210 17.69 -17.08 -0.52
C ASN B 210 16.29 -16.56 -0.83
N VAL B 211 15.97 -16.47 -2.11
CA VAL B 211 14.70 -15.89 -2.66
C VAL B 211 13.65 -16.97 -2.92
N ASN B 212 12.41 -16.75 -2.56
CA ASN B 212 11.40 -17.76 -2.89
C ASN B 212 10.06 -17.23 -3.38
N HIS B 213 9.84 -17.50 -4.62
CA HIS B 213 8.64 -17.09 -5.32
C HIS B 213 7.69 -18.26 -5.56
N LYS B 214 7.11 -18.68 -4.42
CA LYS B 214 6.07 -19.72 -4.35
C LYS B 214 5.27 -19.90 -5.65
N PRO B 215 4.50 -18.92 -6.12
CA PRO B 215 3.66 -19.12 -7.29
C PRO B 215 4.36 -19.49 -8.57
N SER B 216 5.66 -19.36 -8.66
CA SER B 216 6.33 -19.91 -9.86
C SER B 216 7.02 -21.22 -9.48
N ASN B 217 6.94 -21.41 -8.19
CA ASN B 217 7.85 -22.20 -7.34
C ASN B 217 9.35 -22.02 -7.55
N THR B 218 9.75 -20.78 -7.42
CA THR B 218 11.09 -20.38 -7.79
C THR B 218 11.97 -20.15 -6.58
N LYS B 219 12.74 -21.13 -6.26
CA LYS B 219 13.73 -21.00 -5.21
C LYS B 219 15.13 -20.76 -5.79
N VAL B 220 15.62 -19.54 -5.62
CA VAL B 220 16.91 -19.10 -6.21
C VAL B 220 17.87 -18.65 -5.14
N ASP B 221 19.03 -19.30 -5.01
CA ASP B 221 20.08 -18.83 -4.09
C ASP B 221 21.11 -18.06 -4.86
N LYS B 222 21.55 -16.96 -4.32
CA LYS B 222 22.55 -16.14 -5.01
C LYS B 222 23.64 -15.59 -4.10
N ARG B 223 24.89 -15.91 -4.37
CA ARG B 223 26.01 -15.35 -3.60
C ARG B 223 26.14 -13.86 -3.87
N VAL B 224 26.13 -13.06 -2.81
CA VAL B 224 26.47 -11.64 -3.00
C VAL B 224 27.87 -11.20 -2.59
N GLU B 225 28.74 -11.24 -3.56
CA GLU B 225 30.19 -11.10 -3.44
C GLU B 225 30.72 -9.80 -4.05
N PRO B 226 31.67 -9.23 -3.32
CA PRO B 226 32.53 -8.09 -3.71
C PRO B 226 33.27 -8.30 -5.02
N LYS B 227 33.18 -7.25 -5.81
CA LYS B 227 33.97 -6.90 -6.98
C LYS B 227 35.45 -7.20 -6.82
N SER B 228 36.00 -7.87 -7.78
CA SER B 228 37.46 -8.03 -7.83
C SER B 228 38.24 -6.73 -7.63
N CYS B 229 37.64 -5.56 -7.92
CA CYS B 229 38.19 -4.19 -7.70
C CYS B 229 38.80 -4.08 -6.32
N ASP B 230 37.93 -4.34 -5.30
CA ASP B 230 38.27 -4.30 -3.87
C ASP B 230 39.46 -5.20 -3.67
N LYS B 231 40.61 -4.69 -3.43
CA LYS B 231 41.60 -5.71 -3.12
C LYS B 231 41.54 -5.91 -1.61
N THR B 232 41.35 -4.79 -0.97
CA THR B 232 41.26 -4.71 0.47
C THR B 232 40.13 -5.57 0.99
N HIS B 233 39.16 -5.85 0.11
CA HIS B 233 38.17 -6.88 0.50
C HIS B 233 38.38 -8.23 -0.20
N THR B 234 38.98 -8.22 -1.37
CA THR B 234 39.03 -9.47 -2.14
C THR B 234 40.27 -10.29 -1.89
N CYS B 235 41.39 -9.60 -1.71
CA CYS B 235 42.65 -10.23 -1.28
C CYS B 235 42.55 -10.97 0.06
N PRO B 236 43.31 -12.02 0.14
CA PRO B 236 43.52 -12.80 1.34
C PRO B 236 44.09 -11.96 2.46
N PRO B 237 43.60 -12.29 3.65
CA PRO B 237 43.89 -11.60 4.93
C PRO B 237 45.37 -11.70 5.27
N CYS B 238 46.05 -10.56 5.19
CA CYS B 238 47.51 -10.51 5.34
C CYS B 238 47.93 -10.45 6.79
N PRO B 239 49.03 -10.97 7.15
#